data_7SZ2
#
_entry.id   7SZ2
#
_cell.length_a   87.541
_cell.length_b   87.541
_cell.length_c   129.829
_cell.angle_alpha   90.000
_cell.angle_beta   90.000
_cell.angle_gamma   120.000
#
_symmetry.space_group_name_H-M   'P 31 2 1'
#
loop_
_entity.id
_entity.type
_entity.pdbx_description
1 polymer 'Zinc finger CCCH-type antiviral protein 1'
2 non-polymer GLYCEROL
3 non-polymer "ADENOSINE-5'-TRIPHOSPHATE"
4 non-polymer 'PHOSPHATE ION'
5 water water
#
_entity_poly.entity_id   1
_entity_poly.type   'polypeptide(L)'
_entity_poly.pdbx_seq_one_letter_code
;SPRMDDHGLKEICLDHLYRGCQQVNCNKNHFHLPYRWQLFILPTWMDFQDMEYIERAYCDPQIEIIVIEKHRINFKKMTC
DSYPIRRLSTPSFVEKTLNSVFTTKWLWYWRNELNEYTQYGHESPSHTSSEINSAYLESFFHSCPRGVLQFHAGSQNYEL
SFQGMIQTNIASKTQRHVVRRPVFVSSKDVEQKRRGPD
;
_entity_poly.pdbx_strand_id   A,B
#
loop_
_chem_comp.id
_chem_comp.type
_chem_comp.name
_chem_comp.formula
ATP non-polymer ADENOSINE-5'-TRIPHOSPHATE 'C10 H16 N5 O13 P3'
GOL non-polymer GLYCEROL 'C3 H8 O3'
PO4 non-polymer 'PHOSPHATE ION' 'O4 P -3'
#
# COMPACT_ATOMS: atom_id res chain seq x y z
N LYS A 10 16.59 10.86 -7.81
CA LYS A 10 15.30 10.24 -7.37
C LYS A 10 15.21 10.31 -5.84
N GLU A 11 14.27 11.11 -5.33
CA GLU A 11 13.90 11.23 -3.90
C GLU A 11 12.44 10.81 -3.74
N ILE A 12 12.16 9.97 -2.75
CA ILE A 12 10.78 9.53 -2.44
C ILE A 12 10.45 9.89 -0.99
N CYS A 13 9.16 10.02 -0.71
CA CYS A 13 8.59 9.97 0.65
C CYS A 13 7.48 8.93 0.69
N LEU A 14 7.05 8.56 1.88
CA LEU A 14 5.99 7.55 2.13
C LEU A 14 4.70 8.29 2.52
N ASP A 15 3.57 7.81 2.04
CA ASP A 15 2.24 8.32 2.43
C ASP A 15 1.82 7.60 3.73
N HIS A 16 0.58 7.82 4.13
CA HIS A 16 -0.04 7.33 5.39
C HIS A 16 -0.03 5.79 5.47
N LEU A 17 0.08 5.07 4.33
CA LEU A 17 0.13 3.57 4.31
C LEU A 17 1.49 3.05 3.85
N TYR A 18 2.57 3.84 3.99
CA TYR A 18 3.97 3.50 3.69
C TYR A 18 4.19 3.34 2.17
N ARG A 19 3.30 3.88 1.33
CA ARG A 19 3.44 3.82 -0.15
C ARG A 19 4.49 4.83 -0.62
N GLY A 20 5.46 4.39 -1.43
CA GLY A 20 6.46 5.26 -2.08
C GLY A 20 5.78 6.30 -2.97
N CYS A 21 6.11 7.58 -2.77
CA CYS A 21 5.59 8.73 -3.57
C CYS A 21 6.78 9.56 -4.10
N GLN A 22 6.83 9.73 -5.43
CA GLN A 22 7.57 10.76 -6.21
C GLN A 22 8.37 11.70 -5.30
N PHE A 31 9.61 19.58 3.20
CA PHE A 31 8.40 20.41 3.51
C PHE A 31 8.50 20.90 4.96
N HIS A 32 7.99 22.11 5.24
CA HIS A 32 8.17 22.83 6.53
C HIS A 32 7.36 22.14 7.65
N LEU A 33 6.34 21.34 7.34
CA LEU A 33 5.59 20.55 8.35
C LEU A 33 5.98 19.07 8.25
N PRO A 34 5.69 18.24 9.28
CA PRO A 34 5.89 16.79 9.20
C PRO A 34 4.91 16.08 8.25
N TYR A 35 3.87 16.79 7.79
CA TYR A 35 2.76 16.25 6.98
C TYR A 35 2.48 17.17 5.80
N ARG A 36 2.04 16.58 4.69
CA ARG A 36 1.56 17.30 3.50
C ARG A 36 0.26 16.67 3.03
N TRP A 37 -0.84 17.42 3.11
CA TRP A 37 -2.19 16.92 2.73
C TRP A 37 -2.49 17.35 1.28
N GLN A 38 -2.87 16.39 0.43
CA GLN A 38 -3.10 16.63 -1.02
C GLN A 38 -4.33 15.87 -1.49
N LEU A 39 -4.99 16.36 -2.54
CA LEU A 39 -6.06 15.57 -3.19
C LEU A 39 -5.71 15.40 -4.67
N PHE A 40 -6.19 14.31 -5.23
CA PHE A 40 -5.86 13.86 -6.60
C PHE A 40 -7.02 14.26 -7.51
N ILE A 41 -6.82 15.33 -8.26
CA ILE A 41 -7.68 15.69 -9.43
C ILE A 41 -6.86 15.35 -10.67
N LEU A 42 -7.15 14.23 -11.33
CA LEU A 42 -6.39 13.75 -12.52
C LEU A 42 -6.07 14.95 -13.41
N PRO A 43 -4.79 15.25 -13.75
CA PRO A 43 -3.65 14.38 -13.52
C PRO A 43 -2.76 14.59 -12.28
N THR A 44 -3.15 15.44 -11.33
CA THR A 44 -2.20 16.00 -10.34
C THR A 44 -2.71 15.84 -8.89
N TRP A 45 -1.76 15.55 -8.00
CA TRP A 45 -1.86 15.72 -6.54
C TRP A 45 -1.67 17.20 -6.22
N MET A 46 -2.70 17.84 -5.64
CA MET A 46 -2.68 19.28 -5.32
C MET A 46 -2.72 19.45 -3.80
N ASP A 47 -1.92 20.39 -3.30
CA ASP A 47 -1.88 20.78 -1.87
C ASP A 47 -3.24 21.31 -1.44
N PHE A 48 -3.72 20.82 -0.31
CA PHE A 48 -4.77 21.51 0.49
C PHE A 48 -4.15 22.80 1.06
N GLN A 49 -4.95 23.86 1.14
CA GLN A 49 -4.74 24.97 2.12
C GLN A 49 -5.20 24.46 3.48
N ASP A 50 -4.72 25.06 4.57
CA ASP A 50 -5.12 24.75 5.97
C ASP A 50 -4.69 23.32 6.32
N MET A 51 -3.47 22.96 5.96
CA MET A 51 -2.93 21.60 6.20
C MET A 51 -2.90 21.31 7.71
N GLU A 52 -2.49 22.29 8.52
CA GLU A 52 -2.35 22.11 9.99
C GLU A 52 -3.74 21.85 10.58
N TYR A 53 -4.78 22.51 10.08
CA TYR A 53 -6.17 22.34 10.57
C TYR A 53 -6.69 20.94 10.22
N ILE A 54 -6.38 20.48 9.00
CA ILE A 54 -6.83 19.15 8.53
C ILE A 54 -6.17 18.10 9.43
N GLU A 55 -4.87 18.26 9.68
CA GLU A 55 -4.07 17.33 10.50
C GLU A 55 -4.65 17.26 11.91
N ARG A 56 -4.93 18.42 12.53
CA ARG A 56 -5.49 18.51 13.91
C ARG A 56 -6.79 17.68 13.97
N ALA A 57 -7.72 17.86 13.04
CA ALA A 57 -8.94 17.03 12.92
C ALA A 57 -8.59 15.56 12.78
N TYR A 58 -7.60 15.24 11.95
CA TYR A 58 -7.22 13.83 11.64
C TYR A 58 -6.67 13.16 12.90
N CYS A 59 -5.94 13.92 13.71
CA CYS A 59 -5.33 13.38 14.96
C CYS A 59 -6.40 13.07 16.00
N ASP A 60 -7.65 13.48 15.79
CA ASP A 60 -8.77 13.08 16.67
C ASP A 60 -9.47 11.85 16.07
N PRO A 61 -9.33 10.66 16.69
CA PRO A 61 -9.87 9.43 16.12
C PRO A 61 -11.41 9.39 16.02
N GLN A 62 -12.12 10.28 16.73
CA GLN A 62 -13.60 10.39 16.61
C GLN A 62 -13.99 11.06 15.28
N ILE A 63 -13.11 11.91 14.73
CA ILE A 63 -13.43 12.72 13.52
C ILE A 63 -13.20 11.90 12.26
N GLU A 64 -14.27 11.69 11.48
CA GLU A 64 -14.21 11.16 10.09
C GLU A 64 -14.53 12.28 9.09
N ILE A 65 -15.40 13.22 9.44
CA ILE A 65 -15.84 14.26 8.48
C ILE A 65 -15.36 15.65 8.92
N ILE A 66 -14.68 16.32 8.01
CA ILE A 66 -14.35 17.77 8.17
C ILE A 66 -14.66 18.46 6.84
N VAL A 67 -15.28 19.62 6.91
CA VAL A 67 -15.62 20.45 5.74
C VAL A 67 -14.86 21.77 5.88
N ILE A 68 -14.01 22.09 4.91
CA ILE A 68 -13.35 23.42 4.79
C ILE A 68 -13.71 23.93 3.40
N GLU A 69 -14.16 25.17 3.29
CA GLU A 69 -14.45 25.86 2.00
C GLU A 69 -15.57 25.10 1.27
N LYS A 70 -16.37 24.31 1.98
CA LYS A 70 -17.50 23.48 1.44
C LYS A 70 -16.94 22.25 0.70
N HIS A 71 -15.68 21.89 0.98
CA HIS A 71 -15.07 20.62 0.54
C HIS A 71 -15.16 19.60 1.67
N ARG A 72 -15.90 18.51 1.44
CA ARG A 72 -16.22 17.47 2.43
C ARG A 72 -15.08 16.47 2.38
N ILE A 73 -14.23 16.46 3.41
CA ILE A 73 -13.14 15.47 3.58
C ILE A 73 -13.70 14.32 4.42
N ASN A 74 -13.42 13.11 3.97
CA ASN A 74 -13.86 11.85 4.61
C ASN A 74 -12.59 11.07 4.94
N PHE A 75 -12.18 11.07 6.21
CA PHE A 75 -10.96 10.37 6.65
C PHE A 75 -11.18 8.86 6.59
N LYS A 76 -12.42 8.37 6.70
CA LYS A 76 -12.68 6.91 6.62
C LYS A 76 -12.33 6.43 5.20
N LYS A 77 -12.79 7.11 4.16
CA LYS A 77 -12.56 6.69 2.75
C LYS A 77 -11.27 7.33 2.22
N MET A 78 -10.67 8.28 2.95
CA MET A 78 -9.56 9.14 2.48
C MET A 78 -9.94 9.70 1.11
N THR A 79 -11.06 10.42 1.09
CA THR A 79 -11.58 11.16 -0.08
C THR A 79 -11.92 12.58 0.34
N CYS A 80 -11.97 13.45 -0.64
CA CYS A 80 -12.50 14.82 -0.53
C CYS A 80 -13.38 15.04 -1.76
N ASP A 81 -14.68 15.19 -1.55
CA ASP A 81 -15.69 15.36 -2.63
C ASP A 81 -15.54 14.21 -3.62
N SER A 82 -15.22 13.01 -3.11
CA SER A 82 -15.07 11.74 -3.86
C SER A 82 -13.70 11.60 -4.56
N TYR A 83 -12.81 12.60 -4.49
CA TYR A 83 -11.43 12.51 -5.05
C TYR A 83 -10.50 11.93 -3.98
N PRO A 84 -9.58 11.00 -4.33
CA PRO A 84 -8.62 10.46 -3.37
C PRO A 84 -7.81 11.57 -2.70
N ILE A 85 -7.47 11.38 -1.43
CA ILE A 85 -6.53 12.27 -0.69
C ILE A 85 -5.40 11.41 -0.13
N ARG A 86 -4.29 12.03 0.17
CA ARG A 86 -3.16 11.37 0.84
C ARG A 86 -2.51 12.36 1.81
N ARG A 87 -1.88 11.80 2.83
CA ARG A 87 -1.01 12.49 3.80
C ARG A 87 0.39 11.96 3.56
N LEU A 88 1.27 12.80 3.01
CA LEU A 88 2.69 12.50 2.85
C LEU A 88 3.36 12.77 4.18
N SER A 89 4.14 11.81 4.67
CA SER A 89 5.16 12.01 5.73
C SER A 89 6.37 12.67 5.06
N THR A 90 6.94 13.66 5.72
CA THR A 90 8.01 14.55 5.22
C THR A 90 9.34 13.82 5.00
N PRO A 91 9.76 12.88 5.87
CA PRO A 91 11.12 12.32 5.76
C PRO A 91 11.32 11.81 4.33
N SER A 92 12.41 12.23 3.71
CA SER A 92 12.78 11.87 2.32
C SER A 92 13.77 10.69 2.32
N PHE A 93 13.75 9.90 1.25
CA PHE A 93 14.68 8.76 0.99
C PHE A 93 15.27 8.98 -0.40
N VAL A 94 16.59 8.90 -0.52
CA VAL A 94 17.33 9.15 -1.80
C VAL A 94 17.76 7.81 -2.36
N GLU A 95 17.45 7.57 -3.64
CA GLU A 95 17.73 6.30 -4.35
C GLU A 95 19.23 6.08 -4.43
N LYS A 96 19.69 4.87 -4.08
CA LYS A 96 21.07 4.39 -4.33
C LYS A 96 21.21 4.09 -5.83
N THR A 97 22.15 4.79 -6.47
CA THR A 97 22.70 4.53 -7.83
C THR A 97 22.90 3.02 -8.06
N LEU A 98 22.22 2.46 -9.07
CA LEU A 98 22.27 1.02 -9.45
C LEU A 98 22.22 0.90 -10.97
N ASN A 99 22.86 -0.14 -11.51
CA ASN A 99 22.59 -0.60 -12.89
C ASN A 99 21.07 -0.73 -13.06
N SER A 100 20.53 -0.24 -14.17
CA SER A 100 19.07 -0.21 -14.50
C SER A 100 18.55 -1.64 -14.71
N VAL A 101 19.44 -2.61 -14.93
CA VAL A 101 19.09 -4.06 -15.04
C VAL A 101 18.43 -4.51 -13.73
N PHE A 102 18.59 -3.76 -12.63
CA PHE A 102 18.05 -4.10 -11.28
C PHE A 102 16.71 -3.38 -11.05
N THR A 103 16.26 -2.55 -11.99
CA THR A 103 14.95 -1.85 -11.88
C THR A 103 13.87 -2.75 -12.47
N THR A 104 12.78 -2.94 -11.73
CA THR A 104 11.60 -3.74 -12.19
C THR A 104 10.79 -2.90 -13.19
N LYS A 105 10.48 -3.47 -14.34
CA LYS A 105 9.50 -2.92 -15.31
C LYS A 105 8.25 -3.79 -15.19
N TRP A 106 7.10 -3.18 -14.92
CA TRP A 106 5.80 -3.88 -14.77
C TRP A 106 5.04 -3.83 -16.09
N LEU A 107 4.56 -4.97 -16.55
CA LEU A 107 3.73 -5.07 -17.76
C LEU A 107 2.26 -5.22 -17.35
N TRP A 108 1.37 -4.59 -18.09
CA TRP A 108 -0.10 -4.58 -17.88
C TRP A 108 -0.76 -5.31 -19.03
N TYR A 109 -1.65 -6.25 -18.71
CA TYR A 109 -2.33 -7.10 -19.72
C TYR A 109 -3.83 -7.07 -19.46
N TRP A 110 -4.61 -7.41 -20.49
CA TRP A 110 -6.09 -7.56 -20.43
C TRP A 110 -6.50 -8.88 -21.08
N ARG A 111 -7.57 -9.49 -20.56
CA ARG A 111 -8.09 -10.80 -21.03
CA ARG A 111 -8.09 -10.80 -21.03
C ARG A 111 -8.86 -10.58 -22.34
N ASN A 112 -8.34 -11.12 -23.44
CA ASN A 112 -8.89 -10.88 -24.82
C ASN A 112 -9.95 -11.94 -25.15
N GLU A 113 -10.52 -11.85 -26.36
CA GLU A 113 -11.67 -12.67 -26.83
C GLU A 113 -11.25 -14.13 -27.04
N LEU A 114 -9.95 -14.42 -27.16
CA LEU A 114 -9.43 -15.83 -27.14
C LEU A 114 -9.15 -16.26 -25.69
N ASN A 115 -9.63 -15.48 -24.70
CA ASN A 115 -9.41 -15.66 -23.25
C ASN A 115 -7.92 -15.89 -22.96
N GLU A 116 -7.08 -15.12 -23.66
CA GLU A 116 -5.62 -15.01 -23.45
C GLU A 116 -5.30 -13.56 -23.10
N TYR A 117 -4.05 -13.29 -22.76
CA TYR A 117 -3.60 -11.96 -22.28
C TYR A 117 -2.90 -11.24 -23.44
N THR A 118 -3.39 -10.05 -23.76
CA THR A 118 -2.71 -9.06 -24.64
C THR A 118 -2.14 -7.94 -23.76
N GLN A 119 -0.88 -7.59 -23.98
CA GLN A 119 -0.24 -6.41 -23.34
C GLN A 119 -0.93 -5.13 -23.83
N TYR A 120 -1.19 -4.19 -22.92
CA TYR A 120 -1.79 -2.87 -23.26
C TYR A 120 -0.88 -2.17 -24.27
N GLY A 121 -1.47 -1.63 -25.33
CA GLY A 121 -0.76 -0.98 -26.44
C GLY A 121 -0.41 -1.97 -27.55
N HIS A 122 -0.64 -3.26 -27.35
CA HIS A 122 -0.37 -4.30 -28.38
C HIS A 122 -1.69 -4.69 -29.05
N GLU A 123 -1.60 -5.26 -30.25
CA GLU A 123 -2.79 -5.62 -31.06
C GLU A 123 -3.51 -6.83 -30.45
N SER A 124 -4.82 -6.69 -30.27
CA SER A 124 -5.78 -7.75 -29.95
C SER A 124 -5.85 -8.79 -31.07
N PRO A 125 -6.48 -9.96 -30.83
CA PRO A 125 -6.83 -10.87 -31.92
C PRO A 125 -7.64 -10.26 -33.08
N SER A 126 -8.30 -9.12 -32.88
CA SER A 126 -9.07 -8.38 -33.92
C SER A 126 -8.28 -7.18 -34.48
N HIS A 127 -6.97 -7.14 -34.27
CA HIS A 127 -6.06 -6.11 -34.82
C HIS A 127 -6.43 -4.71 -34.29
N THR A 128 -6.93 -4.61 -33.06
CA THR A 128 -7.18 -3.32 -32.34
C THR A 128 -6.15 -3.17 -31.22
N SER A 129 -5.77 -1.93 -30.92
CA SER A 129 -4.79 -1.60 -29.84
C SER A 129 -5.25 -0.34 -29.10
N SER A 130 -4.97 -0.29 -27.80
CA SER A 130 -5.07 0.94 -26.98
C SER A 130 -3.91 1.87 -27.35
N GLU A 131 -4.03 3.16 -27.11
CA GLU A 131 -2.86 4.08 -27.13
C GLU A 131 -2.07 3.87 -25.84
N ILE A 132 -2.75 3.76 -24.71
CA ILE A 132 -2.10 3.55 -23.38
C ILE A 132 -1.28 2.24 -23.42
N ASN A 133 -0.21 2.20 -22.64
CA ASN A 133 0.72 1.05 -22.58
C ASN A 133 1.07 0.82 -21.12
N SER A 134 1.92 -0.16 -20.88
CA SER A 134 2.39 -0.58 -19.55
C SER A 134 3.03 0.60 -18.80
N ALA A 135 3.86 1.40 -19.47
CA ALA A 135 4.54 2.56 -18.85
C ALA A 135 3.46 3.56 -18.37
N TYR A 136 2.50 3.88 -19.24
CA TYR A 136 1.38 4.77 -18.90
C TYR A 136 0.64 4.23 -17.66
N LEU A 137 0.21 2.97 -17.69
CA LEU A 137 -0.58 2.38 -16.57
C LEU A 137 0.26 2.28 -15.27
N GLU A 138 1.51 1.84 -15.35
CA GLU A 138 2.35 1.70 -14.12
C GLU A 138 2.54 3.08 -13.46
N SER A 139 2.80 4.11 -14.26
CA SER A 139 2.98 5.51 -13.78
C SER A 139 1.73 5.98 -13.02
N PHE A 140 0.56 5.78 -13.63
CA PHE A 140 -0.74 6.15 -13.04
C PHE A 140 -0.97 5.30 -11.78
N PHE A 141 -0.75 3.98 -11.84
CA PHE A 141 -0.96 3.08 -10.70
C PHE A 141 -0.09 3.53 -9.52
N HIS A 142 1.17 3.84 -9.79
CA HIS A 142 2.15 4.28 -8.77
C HIS A 142 1.63 5.55 -8.07
N SER A 143 1.25 6.55 -8.85
CA SER A 143 0.76 7.86 -8.36
C SER A 143 -0.59 7.68 -7.62
N CYS A 144 -1.51 6.90 -8.16
CA CYS A 144 -2.92 6.89 -7.72
C CYS A 144 -3.56 5.50 -7.87
N PRO A 145 -3.33 4.57 -6.91
CA PRO A 145 -3.89 3.22 -6.98
C PRO A 145 -5.43 3.12 -6.96
N ARG A 146 -6.14 4.16 -6.56
CA ARG A 146 -7.62 4.17 -6.45
C ARG A 146 -8.20 4.86 -7.69
N GLY A 147 -7.31 5.33 -8.56
CA GLY A 147 -7.58 5.86 -9.91
C GLY A 147 -8.45 4.95 -10.75
N VAL A 148 -9.55 5.54 -11.25
CA VAL A 148 -10.37 5.02 -12.38
C VAL A 148 -10.07 5.97 -13.54
N LEU A 149 -9.84 5.42 -14.73
CA LEU A 149 -9.33 6.23 -15.88
C LEU A 149 -10.03 5.79 -17.16
N GLN A 150 -10.14 6.71 -18.10
CA GLN A 150 -10.76 6.49 -19.43
C GLN A 150 -9.65 6.23 -20.44
N PHE A 151 -9.86 5.34 -21.41
CA PHE A 151 -8.95 5.15 -22.55
C PHE A 151 -9.75 4.63 -23.75
N HIS A 152 -9.17 4.82 -24.94
CA HIS A 152 -9.70 4.42 -26.26
C HIS A 152 -8.88 3.21 -26.78
N ALA A 153 -9.55 2.28 -27.48
CA ALA A 153 -8.93 1.15 -28.20
C ALA A 153 -9.87 0.78 -29.35
N GLY A 154 -9.33 0.52 -30.54
CA GLY A 154 -10.08 0.53 -31.80
C GLY A 154 -11.04 1.72 -31.83
N SER A 155 -12.34 1.45 -31.98
CA SER A 155 -13.43 2.45 -32.10
C SER A 155 -14.17 2.64 -30.77
N GLN A 156 -13.67 2.06 -29.67
CA GLN A 156 -14.43 1.91 -28.40
C GLN A 156 -13.79 2.75 -27.28
N ASN A 157 -14.57 3.12 -26.28
CA ASN A 157 -14.14 3.84 -25.05
C ASN A 157 -14.30 2.92 -23.84
N TYR A 158 -13.30 2.95 -22.94
CA TYR A 158 -13.20 2.02 -21.79
C TYR A 158 -12.94 2.82 -20.52
N GLU A 159 -13.27 2.21 -19.39
CA GLU A 159 -12.94 2.69 -18.03
C GLU A 159 -12.09 1.62 -17.36
N LEU A 160 -10.92 1.97 -16.83
CA LEU A 160 -10.04 1.01 -16.13
C LEU A 160 -10.01 1.41 -14.65
N SER A 161 -10.40 0.47 -13.79
CA SER A 161 -10.31 0.55 -12.31
C SER A 161 -9.13 -0.33 -11.84
N PHE A 162 -8.12 0.27 -11.23
CA PHE A 162 -6.98 -0.44 -10.58
C PHE A 162 -7.48 -1.33 -9.46
N GLN A 163 -8.39 -0.82 -8.61
CA GLN A 163 -8.92 -1.53 -7.43
C GLN A 163 -9.61 -2.82 -7.89
N GLY A 164 -10.48 -2.77 -8.90
CA GLY A 164 -11.18 -3.97 -9.40
C GLY A 164 -10.34 -4.76 -10.40
N MET A 165 -9.26 -4.19 -10.92
CA MET A 165 -8.39 -4.80 -11.98
C MET A 165 -9.30 -5.28 -13.12
N ILE A 166 -10.16 -4.38 -13.59
CA ILE A 166 -11.07 -4.58 -14.76
C ILE A 166 -10.95 -3.35 -15.68
N GLN A 167 -11.11 -3.61 -16.96
CA GLN A 167 -11.53 -2.58 -17.95
C GLN A 167 -12.98 -2.87 -18.34
N THR A 168 -13.75 -1.83 -18.59
CA THR A 168 -15.20 -1.90 -18.95
C THR A 168 -15.45 -1.03 -20.17
N ASN A 169 -15.94 -1.62 -21.25
CA ASN A 169 -16.50 -0.86 -22.40
C ASN A 169 -17.65 0.00 -21.86
N ILE A 170 -17.56 1.32 -22.00
CA ILE A 170 -18.51 2.28 -21.37
C ILE A 170 -19.89 2.19 -22.07
N ALA A 171 -19.96 1.67 -23.30
CA ALA A 171 -21.23 1.47 -24.04
C ALA A 171 -21.87 0.15 -23.60
N SER A 172 -21.24 -0.98 -23.93
CA SER A 172 -21.78 -2.35 -23.76
C SER A 172 -21.69 -2.82 -22.30
N LYS A 173 -20.83 -2.21 -21.48
CA LYS A 173 -20.66 -2.54 -20.03
C LYS A 173 -19.94 -3.89 -19.83
N THR A 174 -19.52 -4.58 -20.90
CA THR A 174 -18.74 -5.84 -20.77
C THR A 174 -17.39 -5.51 -20.12
N GLN A 175 -17.03 -6.28 -19.09
CA GLN A 175 -15.76 -6.22 -18.33
C GLN A 175 -14.74 -7.20 -18.90
N ARG A 176 -13.45 -6.85 -18.86
CA ARG A 176 -12.31 -7.77 -19.12
C ARG A 176 -11.29 -7.63 -17.98
N HIS A 177 -10.68 -8.75 -17.57
CA HIS A 177 -9.76 -8.84 -16.40
C HIS A 177 -8.41 -8.21 -16.77
N VAL A 178 -7.84 -7.44 -15.84
CA VAL A 178 -6.50 -6.80 -15.97
C VAL A 178 -5.53 -7.53 -15.04
N VAL A 179 -4.31 -7.77 -15.53
CA VAL A 179 -3.20 -8.39 -14.75
C VAL A 179 -1.91 -7.58 -14.96
N ARG A 180 -1.11 -7.48 -13.90
CA ARG A 180 0.15 -6.69 -13.82
C ARG A 180 1.26 -7.63 -13.34
N ARG A 181 2.28 -7.87 -14.15
CA ARG A 181 3.39 -8.78 -13.81
C ARG A 181 4.66 -8.19 -14.41
N PRO A 182 5.85 -8.51 -13.88
CA PRO A 182 7.08 -7.90 -14.37
C PRO A 182 7.59 -8.44 -15.70
N VAL A 183 8.49 -7.68 -16.34
CA VAL A 183 9.42 -8.18 -17.38
C VAL A 183 10.37 -9.16 -16.68
N PHE A 184 10.56 -10.36 -17.24
CA PHE A 184 11.47 -11.35 -16.63
C PHE A 184 12.92 -10.93 -16.89
N VAL A 185 13.72 -10.92 -15.84
CA VAL A 185 15.18 -10.65 -15.88
C VAL A 185 15.87 -11.82 -15.16
N SER A 186 16.57 -12.66 -15.92
CA SER A 186 17.29 -13.86 -15.42
C SER A 186 18.62 -13.47 -14.78
N SER A 187 19.22 -14.36 -13.99
CA SER A 187 20.54 -14.16 -13.33
C SER A 187 21.61 -14.05 -14.42
N LYS A 188 21.40 -14.76 -15.54
CA LYS A 188 22.23 -14.67 -16.77
C LYS A 188 22.12 -13.25 -17.33
N ASP A 189 20.90 -12.75 -17.55
CA ASP A 189 20.66 -11.34 -18.02
C ASP A 189 21.46 -10.38 -17.15
N VAL A 190 21.47 -10.59 -15.83
CA VAL A 190 22.13 -9.67 -14.84
C VAL A 190 23.63 -9.65 -15.12
N GLU A 191 24.26 -10.82 -15.26
CA GLU A 191 25.72 -10.95 -15.54
C GLU A 191 26.05 -10.30 -16.90
N GLN A 192 25.24 -10.59 -17.94
CA GLN A 192 25.43 -10.15 -19.35
C GLN A 192 25.71 -8.65 -19.41
N LYS B 10 18.95 4.01 8.24
CA LYS B 10 17.63 3.63 7.68
C LYS B 10 17.75 3.53 6.15
N GLU B 11 17.65 2.31 5.61
CA GLU B 11 17.61 2.00 4.15
C GLU B 11 16.35 1.19 3.87
N ILE B 12 15.61 1.51 2.80
CA ILE B 12 14.32 0.83 2.45
C ILE B 12 14.39 0.35 1.00
N CYS B 13 13.58 -0.68 0.73
CA CYS B 13 13.16 -1.14 -0.62
C CYS B 13 11.64 -1.04 -0.69
N LEU B 14 11.10 -1.00 -1.90
CA LEU B 14 9.66 -1.03 -2.18
C LEU B 14 9.27 -2.45 -2.62
N ASP B 15 8.14 -2.94 -2.13
CA ASP B 15 7.57 -4.24 -2.54
C ASP B 15 6.77 -4.04 -3.82
N HIS B 16 6.07 -5.10 -4.21
CA HIS B 16 5.28 -5.19 -5.47
C HIS B 16 4.18 -4.13 -5.52
N LEU B 17 3.75 -3.54 -4.39
CA LEU B 17 2.71 -2.46 -4.36
C LEU B 17 3.30 -1.12 -3.87
N TYR B 18 4.60 -0.90 -4.01
CA TYR B 18 5.36 0.35 -3.69
C TYR B 18 5.39 0.61 -2.19
N ARG B 19 5.16 -0.42 -1.36
CA ARG B 19 5.21 -0.28 0.12
C ARG B 19 6.67 -0.27 0.60
N GLY B 20 7.03 0.73 1.43
CA GLY B 20 8.35 0.84 2.07
C GLY B 20 8.62 -0.35 2.98
N CYS B 21 9.72 -1.08 2.77
CA CYS B 21 10.15 -2.24 3.60
C CYS B 21 11.57 -2.02 4.11
N GLN B 22 11.80 -2.09 5.43
CA GLN B 22 13.17 -2.03 6.03
C GLN B 22 14.01 -3.18 5.47
N GLN B 23 15.11 -2.86 4.76
CA GLN B 23 15.94 -3.82 3.97
C GLN B 23 16.68 -4.77 4.90
N HIS B 30 22.87 -3.90 -4.15
CA HIS B 30 22.03 -4.46 -3.07
C HIS B 30 22.05 -5.99 -3.15
N PHE B 31 20.88 -6.64 -3.17
CA PHE B 31 20.68 -8.11 -3.36
C PHE B 31 21.17 -8.48 -4.77
N HIS B 32 21.67 -9.71 -4.95
CA HIS B 32 22.34 -10.19 -6.21
C HIS B 32 21.33 -10.32 -7.36
N LEU B 33 20.02 -10.45 -7.09
CA LEU B 33 18.97 -10.45 -8.14
C LEU B 33 18.21 -9.13 -8.10
N PRO B 34 17.47 -8.73 -9.17
CA PRO B 34 16.62 -7.53 -9.14
C PRO B 34 15.36 -7.69 -8.28
N TYR B 35 15.10 -8.91 -7.80
CA TYR B 35 13.88 -9.28 -7.04
C TYR B 35 14.29 -10.14 -5.85
N ARG B 36 13.53 -10.02 -4.77
CA ARG B 36 13.65 -10.89 -3.57
C ARG B 36 12.27 -11.40 -3.16
N TRP B 37 12.05 -12.71 -3.23
CA TRP B 37 10.76 -13.34 -2.87
C TRP B 37 10.80 -13.84 -1.44
N GLN B 38 9.84 -13.43 -0.60
CA GLN B 38 9.81 -13.77 0.84
C GLN B 38 8.40 -14.13 1.29
N LEU B 39 8.30 -14.95 2.32
CA LEU B 39 7.00 -15.19 2.98
C LEU B 39 7.14 -14.84 4.46
N PHE B 40 6.03 -14.43 5.04
CA PHE B 40 5.99 -13.92 6.43
C PHE B 40 5.66 -15.09 7.36
N ILE B 41 6.67 -15.56 8.08
CA ILE B 41 6.55 -16.56 9.17
C ILE B 41 6.68 -15.76 10.48
N LEU B 42 5.56 -15.48 11.12
CA LEU B 42 5.49 -14.53 12.27
C LEU B 42 6.68 -14.80 13.20
N PRO B 43 7.51 -13.79 13.56
CA PRO B 43 7.32 -12.39 13.16
C PRO B 43 8.26 -11.86 12.09
N THR B 44 8.84 -12.75 11.26
CA THR B 44 9.94 -12.40 10.32
C THR B 44 9.60 -12.78 8.87
N TRP B 45 10.04 -11.93 7.92
CA TRP B 45 10.06 -12.19 6.47
C TRP B 45 11.23 -13.13 6.14
N MET B 46 10.95 -14.30 5.58
CA MET B 46 11.98 -15.32 5.25
C MET B 46 12.08 -15.44 3.73
N ASP B 47 13.31 -15.57 3.24
CA ASP B 47 13.63 -15.79 1.81
C ASP B 47 13.05 -17.15 1.37
N PHE B 48 12.31 -17.16 0.26
CA PHE B 48 12.05 -18.38 -0.54
C PHE B 48 13.38 -18.87 -1.14
N GLN B 49 13.52 -20.20 -1.23
CA GLN B 49 14.46 -20.89 -2.15
C GLN B 49 13.91 -20.74 -3.57
N ASP B 50 14.78 -20.82 -4.58
CA ASP B 50 14.39 -20.89 -6.03
C ASP B 50 13.72 -19.58 -6.44
N MET B 51 14.32 -18.44 -6.07
CA MET B 51 13.70 -17.11 -6.31
C MET B 51 13.56 -16.86 -7.80
N GLU B 52 14.56 -17.26 -8.59
CA GLU B 52 14.55 -17.00 -10.05
C GLU B 52 13.42 -17.82 -10.69
N TYR B 53 13.14 -19.02 -10.20
CA TYR B 53 12.06 -19.88 -10.74
C TYR B 53 10.70 -19.29 -10.36
N ILE B 54 10.56 -18.76 -9.14
CA ILE B 54 9.30 -18.10 -8.71
C ILE B 54 9.05 -16.90 -9.62
N GLU B 55 10.07 -16.10 -9.88
CA GLU B 55 9.97 -14.86 -10.69
C GLU B 55 9.54 -15.22 -12.11
N ARG B 56 10.20 -16.23 -12.70
CA ARG B 56 9.91 -16.72 -14.06
C ARG B 56 8.42 -17.09 -14.17
N ALA B 57 7.90 -17.90 -13.24
CA ALA B 57 6.45 -18.22 -13.18
C ALA B 57 5.63 -16.94 -13.04
N TYR B 58 6.04 -16.01 -12.20
CA TYR B 58 5.28 -14.77 -11.88
C TYR B 58 5.17 -13.91 -13.15
N CYS B 59 6.22 -13.89 -13.96
CA CYS B 59 6.27 -13.04 -15.17
C CYS B 59 5.35 -13.61 -16.25
N ASP B 60 4.79 -14.81 -16.07
CA ASP B 60 3.69 -15.31 -16.94
C ASP B 60 2.34 -14.94 -16.32
N PRO B 61 1.57 -14.00 -16.90
CA PRO B 61 0.33 -13.54 -16.30
C PRO B 61 -0.77 -14.61 -16.22
N GLN B 62 -0.65 -15.70 -16.95
CA GLN B 62 -1.62 -16.83 -16.87
C GLN B 62 -1.34 -17.70 -15.64
N ILE B 63 -0.12 -17.67 -15.08
CA ILE B 63 0.23 -18.49 -13.88
C ILE B 63 -0.25 -17.81 -12.59
N GLU B 64 -1.08 -18.55 -11.85
CA GLU B 64 -1.63 -18.18 -10.53
C GLU B 64 -0.98 -19.03 -9.43
N ILE B 65 -0.73 -20.29 -9.67
CA ILE B 65 -0.35 -21.30 -8.64
C ILE B 65 0.93 -21.99 -9.09
N ILE B 66 1.93 -22.07 -8.22
CA ILE B 66 3.13 -22.94 -8.41
C ILE B 66 3.43 -23.67 -7.10
N VAL B 67 4.20 -24.75 -7.20
CA VAL B 67 4.77 -25.46 -6.03
C VAL B 67 6.29 -25.30 -6.08
N ILE B 68 6.84 -24.74 -5.00
CA ILE B 68 8.32 -24.66 -4.76
C ILE B 68 8.63 -25.47 -3.50
N GLU B 69 9.18 -26.67 -3.70
CA GLU B 69 9.50 -27.65 -2.64
C GLU B 69 8.21 -27.97 -1.87
N LYS B 70 8.12 -27.56 -0.61
CA LYS B 70 6.97 -27.91 0.26
C LYS B 70 5.85 -26.87 0.08
N HIS B 71 6.09 -25.78 -0.67
CA HIS B 71 5.27 -24.55 -0.60
C HIS B 71 4.33 -24.46 -1.82
N ARG B 72 3.03 -24.34 -1.55
CA ARG B 72 2.02 -23.94 -2.58
C ARG B 72 1.95 -22.42 -2.59
N ILE B 73 2.47 -21.80 -3.65
CA ILE B 73 2.49 -20.30 -3.78
C ILE B 73 1.30 -19.90 -4.65
N ASN B 74 0.57 -18.89 -4.20
CA ASN B 74 -0.64 -18.37 -4.89
C ASN B 74 -0.39 -16.89 -5.22
N PHE B 75 -0.07 -16.61 -6.49
CA PHE B 75 0.22 -15.24 -6.97
C PHE B 75 -1.05 -14.41 -6.96
N LYS B 76 -2.22 -15.01 -7.12
CA LYS B 76 -3.48 -14.21 -7.15
C LYS B 76 -3.71 -13.60 -5.76
N LYS B 77 -3.55 -14.37 -4.68
CA LYS B 77 -3.78 -13.90 -3.29
C LYS B 77 -2.46 -13.37 -2.70
N MET B 78 -1.33 -13.60 -3.34
CA MET B 78 0.02 -13.33 -2.79
C MET B 78 0.12 -13.99 -1.40
N THR B 79 -0.14 -15.29 -1.35
CA THR B 79 -0.05 -16.12 -0.14
C THR B 79 0.67 -17.42 -0.47
N CYS B 80 1.27 -18.00 0.56
CA CYS B 80 1.94 -19.31 0.50
C CYS B 80 1.51 -20.06 1.75
N ASP B 81 0.73 -21.12 1.59
CA ASP B 81 0.19 -21.96 2.69
C ASP B 81 -0.52 -21.03 3.68
N SER B 82 -1.19 -20.00 3.16
CA SER B 82 -2.01 -19.01 3.91
C SER B 82 -1.16 -17.88 4.53
N TYR B 83 0.17 -17.90 4.42
CA TYR B 83 1.05 -16.78 4.88
C TYR B 83 1.22 -15.75 3.76
N PRO B 84 1.20 -14.44 4.06
CA PRO B 84 1.50 -13.42 3.06
C PRO B 84 2.90 -13.63 2.45
N ILE B 85 3.01 -13.29 1.17
CA ILE B 85 4.30 -13.24 0.43
C ILE B 85 4.47 -11.82 -0.11
N ARG B 86 5.71 -11.45 -0.39
CA ARG B 86 6.02 -10.16 -1.05
C ARG B 86 7.20 -10.38 -1.99
N ARG B 87 7.28 -9.55 -3.01
CA ARG B 87 8.40 -9.38 -3.94
C ARG B 87 9.00 -8.01 -3.67
N LEU B 88 10.21 -7.97 -3.11
CA LEU B 88 10.99 -6.72 -2.99
C LEU B 88 11.64 -6.42 -4.34
N SER B 89 11.47 -5.21 -4.84
CA SER B 89 12.33 -4.59 -5.88
C SER B 89 13.65 -4.17 -5.23
N THR B 90 14.77 -4.44 -5.87
CA THR B 90 16.12 -4.32 -5.27
C THR B 90 16.59 -2.88 -5.11
N PRO B 91 16.20 -1.90 -5.98
CA PRO B 91 16.70 -0.54 -5.81
C PRO B 91 16.43 -0.06 -4.37
N SER B 92 17.49 0.38 -3.70
CA SER B 92 17.47 0.80 -2.29
C SER B 92 17.37 2.32 -2.21
N PHE B 93 16.75 2.82 -1.14
CA PHE B 93 16.60 4.27 -0.84
C PHE B 93 17.11 4.49 0.58
N VAL B 94 18.02 5.46 0.75
CA VAL B 94 18.61 5.77 2.09
C VAL B 94 17.93 7.04 2.64
N GLU B 95 17.42 6.97 3.86
CA GLU B 95 16.68 8.08 4.50
C GLU B 95 17.67 9.21 4.77
N LYS B 96 17.32 10.45 4.41
CA LYS B 96 18.04 11.68 4.85
C LYS B 96 17.66 11.93 6.31
N THR B 97 18.61 11.82 7.24
CA THR B 97 18.37 12.01 8.68
C THR B 97 17.90 13.45 8.89
N LEU B 98 16.76 13.62 9.56
CA LEU B 98 16.19 14.94 9.97
C LEU B 98 15.83 14.88 11.45
N ASN B 99 15.59 16.05 12.03
CA ASN B 99 14.90 16.19 13.33
C ASN B 99 13.72 15.22 13.37
N SER B 100 13.58 14.49 14.47
CA SER B 100 12.54 13.44 14.69
C SER B 100 11.15 14.08 14.75
N VAL B 101 11.08 15.40 14.97
CA VAL B 101 9.80 16.16 14.95
C VAL B 101 9.14 16.04 13.56
N PHE B 102 9.89 15.63 12.52
CA PHE B 102 9.41 15.49 11.12
C PHE B 102 8.98 14.04 10.86
N THR B 103 9.21 13.14 11.83
CA THR B 103 8.74 11.74 11.77
C THR B 103 7.34 11.69 12.39
N THR B 104 6.40 11.06 11.71
CA THR B 104 5.03 10.84 12.21
C THR B 104 5.04 9.70 13.23
N LYS B 105 4.40 9.89 14.37
CA LYS B 105 4.12 8.85 15.39
C LYS B 105 2.62 8.52 15.28
N TRP B 106 2.31 7.24 15.07
CA TRP B 106 0.94 6.75 14.85
C TRP B 106 0.41 6.17 16.15
N LEU B 107 -0.78 6.61 16.57
CA LEU B 107 -1.46 6.06 17.76
C LEU B 107 -2.55 5.11 17.31
N TRP B 108 -2.71 4.00 18.03
CA TRP B 108 -3.72 2.96 17.74
C TRP B 108 -4.76 2.96 18.86
N TYR B 109 -6.03 3.01 18.49
CA TYR B 109 -7.16 3.06 19.44
C TYR B 109 -8.15 1.96 19.10
N TRP B 110 -8.97 1.62 20.09
CA TRP B 110 -10.12 0.68 19.94
C TRP B 110 -11.34 1.34 20.57
N ARG B 111 -12.50 1.10 19.97
CA ARG B 111 -13.80 1.68 20.40
C ARG B 111 -14.29 0.89 21.62
N ASN B 112 -14.35 1.55 22.80
CA ASN B 112 -14.68 0.91 24.10
C ASN B 112 -16.20 0.90 24.34
N GLU B 113 -16.62 0.33 25.48
CA GLU B 113 -18.04 0.04 25.82
C GLU B 113 -18.78 1.35 26.12
N LEU B 114 -18.07 2.46 26.37
CA LEU B 114 -18.69 3.81 26.47
C LEU B 114 -18.72 4.46 25.09
N ASN B 115 -18.46 3.70 24.04
CA ASN B 115 -18.50 4.20 22.64
C ASN B 115 -17.49 5.35 22.48
N GLU B 116 -16.37 5.29 23.19
CA GLU B 116 -15.25 6.26 23.09
C GLU B 116 -13.99 5.45 22.71
N TYR B 117 -12.90 6.16 22.45
CA TYR B 117 -11.63 5.58 21.98
C TYR B 117 -10.67 5.51 23.17
N THR B 118 -10.17 4.31 23.43
CA THR B 118 -9.04 4.03 24.34
C THR B 118 -7.83 3.68 23.47
N GLN B 119 -6.69 4.29 23.77
CA GLN B 119 -5.39 3.94 23.16
C GLN B 119 -4.98 2.54 23.64
N TYR B 120 -4.43 1.73 22.73
CA TYR B 120 -3.91 0.38 23.05
C TYR B 120 -2.83 0.54 24.12
N GLY B 121 -2.91 -0.30 25.17
CA GLY B 121 -2.00 -0.27 26.33
C GLY B 121 -2.53 0.64 27.43
N HIS B 122 -3.63 1.36 27.21
CA HIS B 122 -4.26 2.25 28.23
C HIS B 122 -5.51 1.57 28.81
N GLU B 123 -5.94 2.03 29.99
CA GLU B 123 -7.06 1.47 30.77
C GLU B 123 -8.40 1.64 30.04
N SER B 124 -9.14 0.56 29.87
CA SER B 124 -10.57 0.58 29.47
C SER B 124 -11.43 1.16 30.59
N PRO B 125 -12.69 1.55 30.31
CA PRO B 125 -13.66 1.86 31.36
C PRO B 125 -13.85 0.77 32.43
N SER B 126 -13.45 -0.48 32.17
CA SER B 126 -13.50 -1.63 33.12
C SER B 126 -12.13 -1.91 33.77
N HIS B 127 -11.19 -0.97 33.69
CA HIS B 127 -9.86 -1.04 34.36
C HIS B 127 -9.06 -2.22 33.79
N THR B 128 -9.21 -2.54 32.50
CA THR B 128 -8.38 -3.55 31.78
C THR B 128 -7.51 -2.81 30.76
N SER B 129 -6.32 -3.33 30.50
CA SER B 129 -5.39 -2.81 29.48
C SER B 129 -4.77 -3.98 28.70
N SER B 130 -4.52 -3.75 27.42
CA SER B 130 -3.72 -4.66 26.56
C SER B 130 -2.25 -4.52 26.99
N GLU B 131 -1.47 -5.55 26.75
CA GLU B 131 0.01 -5.47 26.87
C GLU B 131 0.49 -4.63 25.66
N ILE B 132 0.03 -4.98 24.47
CA ILE B 132 0.41 -4.30 23.20
C ILE B 132 0.04 -2.81 23.29
N ASN B 133 0.86 -1.99 22.62
CA ASN B 133 0.69 -0.51 22.57
C ASN B 133 0.84 -0.06 21.12
N SER B 134 0.71 1.24 20.90
CA SER B 134 0.80 1.89 19.57
C SER B 134 2.12 1.54 18.86
N ALA B 135 3.24 1.54 19.57
CA ALA B 135 4.56 1.20 18.99
C ALA B 135 4.52 -0.24 18.50
N TYR B 136 4.04 -1.16 19.34
CA TYR B 136 3.92 -2.60 18.99
C TYR B 136 3.08 -2.74 17.72
N LEU B 137 1.89 -2.12 17.67
CA LEU B 137 0.98 -2.26 16.51
C LEU B 137 1.54 -1.59 15.26
N GLU B 138 2.11 -0.38 15.37
CA GLU B 138 2.66 0.33 14.19
C GLU B 138 3.80 -0.51 13.57
N SER B 139 4.67 -1.07 14.39
CA SER B 139 5.80 -1.93 13.94
C SER B 139 5.28 -3.14 13.14
N PHE B 140 4.31 -3.86 13.70
CA PHE B 140 3.67 -5.02 13.04
C PHE B 140 2.95 -4.56 11.76
N PHE B 141 2.17 -3.49 11.83
CA PHE B 141 1.42 -2.99 10.66
C PHE B 141 2.39 -2.66 9.52
N HIS B 142 3.49 -1.97 9.85
CA HIS B 142 4.50 -1.56 8.86
C HIS B 142 5.08 -2.80 8.16
N SER B 143 5.53 -3.79 8.94
CA SER B 143 6.13 -5.03 8.41
C SER B 143 5.10 -5.86 7.62
N CYS B 144 3.87 -5.99 8.12
CA CYS B 144 2.91 -7.01 7.63
C CYS B 144 1.47 -6.53 7.72
N PRO B 145 0.99 -5.70 6.76
CA PRO B 145 -0.38 -5.18 6.79
C PRO B 145 -1.51 -6.21 6.66
N ARG B 146 -1.23 -7.42 6.17
CA ARG B 146 -2.26 -8.47 5.99
C ARG B 146 -2.20 -9.44 7.18
N GLY B 147 -1.27 -9.19 8.08
CA GLY B 147 -1.16 -9.76 9.45
C GLY B 147 -2.45 -9.73 10.25
N VAL B 148 -2.76 -10.88 10.82
CA VAL B 148 -3.63 -11.07 12.02
C VAL B 148 -2.68 -11.32 13.20
N LEU B 149 -2.94 -10.65 14.32
CA LEU B 149 -2.12 -10.60 15.55
C LEU B 149 -2.98 -11.13 16.72
N GLN B 150 -2.42 -11.97 17.58
CA GLN B 150 -3.06 -12.38 18.87
C GLN B 150 -2.54 -11.48 19.99
N PHE B 151 -3.38 -11.09 20.94
CA PHE B 151 -2.95 -10.29 22.11
C PHE B 151 -3.89 -10.55 23.26
N HIS B 152 -3.39 -10.25 24.47
CA HIS B 152 -4.08 -10.38 25.77
C HIS B 152 -4.51 -8.99 26.25
N ALA B 153 -5.64 -8.90 26.93
CA ALA B 153 -6.10 -7.70 27.68
C ALA B 153 -6.97 -8.22 28.81
N GLY B 154 -6.77 -7.71 30.03
CA GLY B 154 -7.26 -8.33 31.28
C GLY B 154 -7.05 -9.83 31.21
N SER B 155 -8.15 -10.59 31.31
CA SER B 155 -8.14 -12.08 31.39
C SER B 155 -8.51 -12.70 30.03
N GLN B 156 -8.55 -11.90 28.97
CA GLN B 156 -9.17 -12.28 27.67
C GLN B 156 -8.09 -12.35 26.58
N ASN B 157 -8.37 -13.11 25.52
CA ASN B 157 -7.52 -13.25 24.31
C ASN B 157 -8.25 -12.66 23.11
N TYR B 158 -7.53 -11.92 22.27
CA TYR B 158 -8.08 -11.16 21.14
C TYR B 158 -7.29 -11.47 19.88
N GLU B 159 -7.93 -11.24 18.74
CA GLU B 159 -7.27 -11.23 17.41
C GLU B 159 -7.47 -9.85 16.82
N LEU B 160 -6.40 -9.22 16.35
CA LEU B 160 -6.48 -7.96 15.60
C LEU B 160 -6.18 -8.24 14.12
N SER B 161 -7.12 -7.85 13.25
CA SER B 161 -6.98 -7.84 11.77
C SER B 161 -6.72 -6.40 11.32
N PHE B 162 -5.55 -6.12 10.74
CA PHE B 162 -5.24 -4.80 10.14
C PHE B 162 -6.16 -4.51 8.97
N GLN B 163 -6.42 -5.51 8.12
CA GLN B 163 -7.26 -5.39 6.89
C GLN B 163 -8.67 -4.93 7.30
N GLY B 164 -9.30 -5.60 8.27
CA GLY B 164 -10.65 -5.23 8.74
C GLY B 164 -10.65 -4.10 9.76
N MET B 165 -9.48 -3.75 10.32
CA MET B 165 -9.34 -2.74 11.42
C MET B 165 -10.35 -3.07 12.53
N ILE B 166 -10.31 -4.33 12.96
CA ILE B 166 -11.15 -4.89 14.05
C ILE B 166 -10.25 -5.65 15.03
N GLN B 167 -10.63 -5.64 16.30
CA GLN B 167 -10.21 -6.66 17.28
C GLN B 167 -11.44 -7.53 17.57
N THR B 168 -11.19 -8.80 17.88
CA THR B 168 -12.24 -9.82 18.17
C THR B 168 -11.79 -10.61 19.41
N ASN B 169 -12.60 -10.61 20.47
CA ASN B 169 -12.45 -11.57 21.59
C ASN B 169 -12.61 -12.96 21.00
N ILE B 170 -11.60 -13.84 21.13
CA ILE B 170 -11.61 -15.17 20.45
C ILE B 170 -12.62 -16.11 21.14
N ALA B 171 -13.02 -15.84 22.39
CA ALA B 171 -14.06 -16.60 23.12
C ALA B 171 -15.45 -16.11 22.68
N SER B 172 -15.80 -14.87 23.02
CA SER B 172 -17.18 -14.31 22.89
C SER B 172 -17.46 -13.89 21.44
N LYS B 173 -16.42 -13.67 20.62
CA LYS B 173 -16.53 -13.27 19.19
C LYS B 173 -16.97 -11.81 19.04
N THR B 174 -17.14 -11.08 20.14
CA THR B 174 -17.40 -9.62 20.16
C THR B 174 -16.31 -8.88 19.38
N GLN B 175 -16.68 -8.10 18.36
CA GLN B 175 -15.76 -7.23 17.57
C GLN B 175 -15.77 -5.81 18.14
N ARG B 176 -14.63 -5.12 18.08
CA ARG B 176 -14.53 -3.65 18.33
C ARG B 176 -13.72 -3.03 17.19
N HIS B 177 -14.11 -1.80 16.81
CA HIS B 177 -13.46 -1.02 15.73
C HIS B 177 -12.10 -0.51 16.20
N VAL B 178 -11.10 -0.60 15.31
CA VAL B 178 -9.71 -0.09 15.51
C VAL B 178 -9.49 1.14 14.62
N VAL B 179 -8.82 2.16 15.16
CA VAL B 179 -8.50 3.42 14.43
C VAL B 179 -7.03 3.77 14.69
N ARG B 180 -6.35 4.21 13.63
CA ARG B 180 -4.91 4.59 13.65
C ARG B 180 -4.82 6.04 13.17
N ARG B 181 -4.39 6.94 14.04
CA ARG B 181 -4.26 8.37 13.69
C ARG B 181 -2.99 8.89 14.35
N PRO B 182 -2.41 10.01 13.87
CA PRO B 182 -1.15 10.48 14.39
C PRO B 182 -1.24 11.21 15.74
N VAL B 183 -0.08 11.37 16.37
CA VAL B 183 0.16 12.40 17.42
C VAL B 183 0.13 13.75 16.70
N PHE B 184 -0.64 14.72 17.21
CA PHE B 184 -0.74 16.05 16.57
C PHE B 184 0.56 16.82 16.81
N VAL B 185 1.14 17.36 15.75
CA VAL B 185 2.36 18.22 15.81
C VAL B 185 2.03 19.53 15.07
N SER B 186 1.92 20.63 15.80
CA SER B 186 1.66 22.00 15.27
C SER B 186 2.96 22.61 14.72
N SER B 187 2.84 23.68 13.92
CA SER B 187 4.01 24.42 13.35
C SER B 187 4.78 25.07 14.49
N LYS B 188 4.09 25.45 15.56
CA LYS B 188 4.70 25.93 16.83
C LYS B 188 5.55 24.81 17.44
N ASP B 189 4.99 23.61 17.60
CA ASP B 189 5.72 22.41 18.09
C ASP B 189 7.01 22.23 17.29
N VAL B 190 6.94 22.41 15.96
CA VAL B 190 8.10 22.22 15.04
C VAL B 190 9.22 23.20 15.42
N GLU B 191 8.90 24.49 15.57
CA GLU B 191 9.88 25.56 15.86
C GLU B 191 10.55 25.30 17.22
N GLN B 192 9.77 24.97 18.25
CA GLN B 192 10.29 24.65 19.61
C GLN B 192 11.24 23.44 19.55
N LYS B 193 10.93 22.42 18.73
CA LYS B 193 11.67 21.12 18.68
C LYS B 193 13.00 21.26 17.92
N ARG B 194 13.36 22.46 17.45
CA ARG B 194 14.69 22.76 16.85
C ARG B 194 15.61 23.32 17.95
N ARG B 195 15.76 22.58 19.06
CA ARG B 195 16.29 23.04 20.38
C ARG B 195 16.11 24.56 20.49
C1 GOL C . -3.44 13.30 19.47
O1 GOL C . -2.23 14.05 19.46
C2 GOL C . -4.56 14.05 20.17
O2 GOL C . -4.76 15.33 19.55
C3 GOL C . -5.87 13.29 20.19
O3 GOL C . -6.98 14.12 19.90
C1 GOL D . -0.09 -7.15 -8.96
O1 GOL D . 0.98 -6.90 -9.86
C2 GOL D . -1.29 -6.26 -9.24
O2 GOL D . -2.46 -7.06 -9.42
C3 GOL D . -1.56 -5.24 -8.15
O3 GOL D . -2.60 -4.34 -8.53
PG ATP E . -17.23 -7.58 -27.83
O1G ATP E . -16.39 -8.77 -27.46
O2G ATP E . -18.49 -7.95 -28.61
O3G ATP E . -16.45 -6.48 -28.52
PB ATP E . -18.07 -5.44 -26.08
O1B ATP E . -18.20 -4.67 -27.37
O2B ATP E . -19.19 -5.44 -25.11
O3B ATP E . -17.72 -6.96 -26.44
PA ATP E . -15.17 -4.75 -25.72
O1A ATP E . -14.30 -5.13 -24.58
O2A ATP E . -15.06 -3.36 -26.24
O3A ATP E . -16.71 -5.02 -25.31
O5' ATP E . -14.99 -5.78 -26.94
C5' ATP E . -13.78 -6.53 -27.19
C4' ATP E . -13.22 -6.13 -28.52
O4' ATP E . -12.44 -4.90 -28.35
C3' ATP E . -12.22 -7.11 -29.13
O3' ATP E . -11.94 -6.84 -30.50
C2' ATP E . -10.98 -6.74 -28.32
O2' ATP E . -9.81 -7.26 -28.92
C1' ATP E . -11.08 -5.22 -28.35
N9 ATP E . -10.44 -4.63 -27.18
C8 ATP E . -10.96 -4.54 -25.91
N7 ATP E . -10.12 -3.99 -25.05
C5 ATP E . -8.99 -3.70 -25.80
C6 ATP E . -7.75 -3.11 -25.48
N6 ATP E . -7.44 -2.70 -24.26
N1 ATP E . -6.85 -2.97 -26.48
C2 ATP E . -7.18 -3.40 -27.71
N3 ATP E . -8.31 -3.97 -28.14
C4 ATP E . -9.18 -4.09 -27.12
P PO4 F . -12.29 5.25 10.70
O1 PO4 F . -11.49 3.97 10.84
O2 PO4 F . -13.09 5.49 11.96
O3 PO4 F . -11.34 6.42 10.45
O4 PO4 F . -13.24 5.10 9.52
P PO4 G . 6.64 4.81 -12.20
O1 PO4 G . 6.51 5.14 -13.69
O2 PO4 G . 7.98 4.11 -11.95
O3 PO4 G . 5.51 3.89 -11.77
O4 PO4 G . 6.58 6.10 -11.39
P PO4 H . -17.23 3.49 11.46
O1 PO4 H . -16.44 3.22 10.17
O2 PO4 H . -18.48 4.31 11.11
O3 PO4 H . -17.65 2.16 12.08
O4 PO4 H . -16.36 4.27 12.43
PG ATP I . -19.44 -7.82 26.33
O1G ATP I . -19.58 -6.88 27.51
O2G ATP I . -19.93 -7.24 25.00
O3G ATP I . -19.99 -9.21 26.60
PB ATP I . -17.09 -9.20 25.54
O1B ATP I . -16.55 -9.93 26.72
O2B ATP I . -17.95 -9.88 24.52
O3B ATP I . -17.86 -7.94 26.12
PA ATP I . -14.68 -7.59 24.97
O1A ATP I . -14.43 -6.84 23.70
O2A ATP I . -13.62 -8.48 25.56
O3A ATP I . -15.94 -8.52 24.66
O5' ATP I . -15.17 -6.57 26.11
C5' ATP I . -15.08 -6.95 27.50
C4' ATP I . -14.13 -6.03 28.24
O4' ATP I . -12.82 -6.13 27.63
C3' ATP I . -14.50 -4.54 28.23
O3' ATP I . -14.35 -3.83 29.46
C2' ATP I . -13.43 -3.90 27.37
O2' ATP I . -13.16 -2.61 27.87
C1' ATP I . -12.25 -4.86 27.54
N9 ATP I . -11.38 -4.77 26.38
C8 ATP I . -11.66 -5.13 25.09
N7 ATP I . -10.68 -4.84 24.27
C5 ATP I . -9.71 -4.26 25.07
C6 ATP I . -8.41 -3.75 24.80
N6 ATP I . -7.87 -3.72 23.59
N1 ATP I . -7.71 -3.22 25.83
C2 ATP I . -8.26 -3.27 27.06
N3 ATP I . -9.45 -3.75 27.44
C4 ATP I . -10.13 -4.22 26.38
P PO4 J . -4.67 -12.52 -11.29
O1 PO4 J . -4.96 -12.81 -12.76
O2 PO4 J . -4.82 -11.03 -11.04
O3 PO4 J . -3.26 -12.96 -10.96
O4 PO4 J . -5.66 -13.27 -10.42
P PO4 K . -7.26 -19.46 -6.81
O1 PO4 K . -6.31 -19.42 -8.02
O2 PO4 K . -8.65 -18.95 -7.23
O3 PO4 K . -7.39 -20.89 -6.30
O4 PO4 K . -6.72 -18.58 -5.70
P PO4 L . -5.06 -22.00 -2.56
O1 PO4 L . -5.75 -22.34 -3.88
O2 PO4 L . -3.57 -21.76 -2.83
O3 PO4 L . -5.23 -23.16 -1.59
O4 PO4 L . -5.68 -20.73 -1.97
P PO4 M . -11.68 -15.42 16.21
O1 PO4 M . -12.15 -16.61 15.38
O2 PO4 M . -11.14 -14.33 15.29
O3 PO4 M . -10.57 -15.88 17.16
O4 PO4 M . -12.85 -14.87 17.03
#